data_7P7I
#
_entry.id   7P7I
#
_cell.length_a   95.230
_cell.length_b   95.230
_cell.length_c   180.550
_cell.angle_alpha   90.000
_cell.angle_beta   90.000
_cell.angle_gamma   120.000
#
_symmetry.space_group_name_H-M   'P 31 2 1'
#
loop_
_entity.id
_entity.type
_entity.pdbx_description
1 polymer 'Ubiquitin-like protein SMT3,N-acetyl-D-glucosamine kinase'
2 non-polymer DI(HYDROXYETHYL)ETHER
3 non-polymer 2-AMINO-2-HYDROXYMETHYL-PROPANE-1,3-DIOL
4 non-polymer 'ZINC ION'
5 non-polymer 'TRIETHYLENE GLYCOL'
6 non-polymer 1,2-ETHANEDIOL
7 non-polymer 'CHLORIDE ION'
8 water water
#
_entity_poly.entity_id   1
_entity_poly.type   'polypeptide(L)'
_entity_poly.pdbx_seq_one_letter_code
;MAHHHHHHGSDSEVNQEAKPEVKPEVKPETHINLKVSDGSSEIFFKIKKTTPLRRLMEAFAKRQGKEMDSLRFLYDGIRI
QADQTPEDLDMEDNDIIEAHREQISSGLEVLFQGTMYYGFDIGGTKIEFGAFDADLVRVARERVATPTESYAAFLDAIVT
LVNNADAEFGVKGTVGIGIPGIADVETGKLLTSNIPAAMGHTLQRDLEERLQRPVKIENDANCFALSEAWDEDLRGEPSV
LGLILGTGVGGGLIFNGKVHSGRANIAGEIGHTRLPYDALKLLGMENAPIFPCGCKNSGCIDNYLSGRGFEQLYDHYFSE
KLSAPEIIAHYEQGERRAVQHVERFMELLAICLANIFTCLDPHVVVLGGGLSNFELIYQELPKRLPAHLLHVAKLPKIIK
ARHGDAGGVRGAAFLNL
;
_entity_poly.pdbx_strand_id   AAA,BBB
#
# COMPACT_ATOMS: atom_id res chain seq x y z
N GLY A 114 -12.66 -27.08 18.36
CA GLY A 114 -13.88 -26.29 18.72
C GLY A 114 -14.13 -25.10 17.79
N THR A 115 -13.24 -24.87 16.84
CA THR A 115 -13.41 -23.73 15.94
C THR A 115 -13.50 -24.22 14.49
N MET A 116 -14.43 -23.62 13.74
CA MET A 116 -14.53 -23.92 12.32
CA MET A 116 -14.58 -23.92 12.32
C MET A 116 -14.71 -22.60 11.56
N TYR A 117 -14.06 -22.53 10.38
CA TYR A 117 -14.12 -21.32 9.57
C TYR A 117 -14.88 -21.64 8.28
N TYR A 118 -16.01 -20.94 8.05
CA TYR A 118 -16.72 -21.16 6.79
C TYR A 118 -16.40 -20.05 5.79
N GLY A 119 -16.30 -20.44 4.52
CA GLY A 119 -16.14 -19.49 3.44
C GLY A 119 -17.18 -19.74 2.35
N PHE A 120 -17.76 -18.64 1.85
CA PHE A 120 -18.65 -18.71 0.71
C PHE A 120 -18.02 -17.89 -0.43
N ASP A 121 -18.05 -18.47 -1.63
CA ASP A 121 -17.70 -17.72 -2.83
CA ASP A 121 -17.67 -17.81 -2.88
C ASP A 121 -18.95 -17.61 -3.69
N ILE A 122 -19.46 -16.38 -3.80
CA ILE A 122 -20.73 -16.12 -4.48
C ILE A 122 -20.41 -15.77 -5.93
N GLY A 123 -20.80 -16.64 -6.86
CA GLY A 123 -20.70 -16.39 -8.30
C GLY A 123 -22.07 -16.09 -8.89
N GLY A 124 -22.11 -15.71 -10.18
CA GLY A 124 -23.38 -15.39 -10.78
C GLY A 124 -24.32 -16.59 -10.86
N THR A 125 -23.77 -17.81 -10.99
CA THR A 125 -24.67 -18.95 -11.10
C THR A 125 -24.51 -19.97 -9.96
N LYS A 126 -23.36 -20.01 -9.30
CA LYS A 126 -23.14 -20.97 -8.21
C LYS A 126 -22.65 -20.26 -6.94
N ILE A 127 -23.04 -20.79 -5.78
CA ILE A 127 -22.50 -20.42 -4.48
C ILE A 127 -21.69 -21.61 -4.01
N GLU A 128 -20.39 -21.38 -3.77
CA GLU A 128 -19.51 -22.45 -3.30
C GLU A 128 -19.26 -22.25 -1.82
N PHE A 129 -19.21 -23.37 -1.08
CA PHE A 129 -19.09 -23.35 0.36
C PHE A 129 -17.95 -24.27 0.77
N GLY A 130 -17.16 -23.81 1.73
CA GLY A 130 -16.11 -24.64 2.31
C GLY A 130 -16.01 -24.41 3.81
N ALA A 131 -15.67 -25.48 4.54
CA ALA A 131 -15.46 -25.37 5.99
C ALA A 131 -14.04 -25.84 6.28
N PHE A 132 -13.32 -25.07 7.10
CA PHE A 132 -11.90 -25.32 7.38
C PHE A 132 -11.73 -25.42 8.90
N ASP A 133 -10.98 -26.45 9.33
CA ASP A 133 -10.72 -26.68 10.76
C ASP A 133 -9.62 -25.75 11.27
N ALA A 134 -9.25 -25.89 12.54
CA ALA A 134 -8.26 -25.03 13.18
C ALA A 134 -6.90 -25.14 12.48
N ASP A 135 -6.65 -26.24 11.76
CA ASP A 135 -5.41 -26.36 11.00
C ASP A 135 -5.55 -25.87 9.56
N LEU A 136 -6.68 -25.23 9.24
CA LEU A 136 -6.97 -24.73 7.90
C LEU A 136 -7.09 -25.86 6.88
N VAL A 137 -7.45 -27.07 7.32
CA VAL A 137 -7.72 -28.16 6.41
CA VAL A 137 -7.70 -28.10 6.34
C VAL A 137 -9.20 -28.10 6.03
N ARG A 138 -9.48 -28.17 4.74
CA ARG A 138 -10.85 -28.17 4.27
CA ARG A 138 -10.85 -28.17 4.27
C ARG A 138 -11.52 -29.51 4.59
N VAL A 139 -12.61 -29.44 5.35
CA VAL A 139 -13.29 -30.64 5.79
C VAL A 139 -14.71 -30.73 5.27
N ALA A 140 -15.20 -29.70 4.57
CA ALA A 140 -16.48 -29.80 3.88
C ALA A 140 -16.41 -28.95 2.61
N ARG A 141 -17.17 -29.37 1.60
CA ARG A 141 -17.27 -28.69 0.31
C ARG A 141 -18.71 -28.90 -0.15
N GLU A 142 -19.42 -27.81 -0.46
CA GLU A 142 -20.77 -27.89 -0.97
C GLU A 142 -20.94 -26.80 -2.04
N ARG A 143 -21.79 -27.06 -3.03
CA ARG A 143 -22.09 -26.13 -4.12
C ARG A 143 -23.61 -26.07 -4.27
N VAL A 144 -24.17 -24.86 -4.31
CA VAL A 144 -25.59 -24.71 -4.56
C VAL A 144 -25.79 -23.67 -5.66
N ALA A 145 -26.97 -23.65 -6.26
CA ALA A 145 -27.29 -22.65 -7.30
C ALA A 145 -27.42 -21.27 -6.67
N THR A 146 -26.93 -20.21 -7.35
CA THR A 146 -27.21 -18.86 -6.88
C THR A 146 -28.60 -18.48 -7.39
N PRO A 147 -29.56 -18.10 -6.52
CA PRO A 147 -30.87 -17.61 -6.99
C PRO A 147 -30.74 -16.41 -7.95
N THR A 148 -31.55 -16.40 -9.02
CA THR A 148 -31.36 -15.45 -10.11
C THR A 148 -32.03 -14.13 -9.77
N GLU A 149 -33.12 -14.17 -8.98
CA GLU A 149 -33.93 -12.99 -8.73
CA GLU A 149 -33.84 -12.94 -8.72
C GLU A 149 -34.18 -12.75 -7.24
N SER A 150 -34.56 -13.81 -6.52
CA SER A 150 -35.11 -13.59 -5.17
C SER A 150 -34.03 -13.37 -4.09
N TYR A 151 -34.06 -12.21 -3.42
CA TYR A 151 -33.14 -11.98 -2.32
C TYR A 151 -33.41 -12.93 -1.15
N ALA A 152 -34.70 -13.14 -0.84
CA ALA A 152 -35.09 -14.05 0.23
C ALA A 152 -34.50 -15.44 -0.01
N ALA A 153 -34.56 -15.92 -1.27
CA ALA A 153 -34.00 -17.22 -1.64
C ALA A 153 -32.48 -17.22 -1.49
N PHE A 154 -31.86 -16.08 -1.81
CA PHE A 154 -30.41 -15.92 -1.69
C PHE A 154 -29.97 -16.06 -0.22
N LEU A 155 -30.58 -15.30 0.68
CA LEU A 155 -30.31 -15.41 2.10
C LEU A 155 -30.53 -16.86 2.60
N ASP A 156 -31.62 -17.50 2.17
CA ASP A 156 -31.93 -18.83 2.67
CA ASP A 156 -31.92 -18.83 2.67
C ASP A 156 -30.80 -19.81 2.33
N ALA A 157 -30.26 -19.66 1.11
CA ALA A 157 -29.28 -20.61 0.62
C ALA A 157 -28.06 -20.57 1.54
N ILE A 158 -27.69 -19.35 1.95
CA ILE A 158 -26.50 -19.14 2.77
C ILE A 158 -26.79 -19.60 4.19
N VAL A 159 -27.90 -19.13 4.76
CA VAL A 159 -28.28 -19.48 6.14
C VAL A 159 -28.37 -20.99 6.31
N THR A 160 -29.00 -21.67 5.33
CA THR A 160 -29.14 -23.13 5.32
C THR A 160 -27.77 -23.80 5.38
N LEU A 161 -26.83 -23.33 4.55
CA LEU A 161 -25.52 -23.96 4.52
C LEU A 161 -24.85 -23.80 5.87
N VAL A 162 -24.98 -22.62 6.48
CA VAL A 162 -24.31 -22.36 7.74
C VAL A 162 -24.90 -23.26 8.85
N ASN A 163 -26.24 -23.29 8.92
CA ASN A 163 -26.92 -24.06 9.98
C ASN A 163 -26.63 -25.55 9.85
N ASN A 164 -26.66 -26.07 8.61
CA ASN A 164 -26.34 -27.47 8.39
C ASN A 164 -24.90 -27.81 8.78
N ALA A 165 -23.96 -26.89 8.47
CA ALA A 165 -22.57 -27.15 8.80
C ALA A 165 -22.39 -27.12 10.32
N ASP A 166 -23.08 -26.19 10.99
CA ASP A 166 -22.96 -26.06 12.44
C ASP A 166 -23.47 -27.33 13.13
N ALA A 167 -24.58 -27.90 12.62
CA ALA A 167 -25.13 -29.16 13.12
C ALA A 167 -24.16 -30.31 12.88
N GLU A 168 -23.56 -30.36 11.69
CA GLU A 168 -22.64 -31.39 11.28
C GLU A 168 -21.36 -31.36 12.15
N PHE A 169 -20.81 -30.16 12.38
CA PHE A 169 -19.50 -30.11 13.00
C PHE A 169 -19.60 -29.90 14.51
N GLY A 170 -20.81 -29.58 14.98
CA GLY A 170 -21.05 -29.39 16.39
C GLY A 170 -20.44 -28.09 16.92
N VAL A 171 -20.34 -27.03 16.09
CA VAL A 171 -19.79 -25.76 16.53
C VAL A 171 -20.66 -24.67 15.93
N LYS A 172 -20.33 -23.43 16.25
CA LYS A 172 -20.89 -22.27 15.58
CA LYS A 172 -20.89 -22.26 15.58
C LYS A 172 -19.77 -21.64 14.74
N GLY A 173 -19.72 -21.99 13.45
CA GLY A 173 -18.60 -21.55 12.61
C GLY A 173 -18.61 -20.05 12.31
N THR A 174 -17.42 -19.50 11.98
CA THR A 174 -17.33 -18.12 11.55
C THR A 174 -17.77 -18.06 10.08
N VAL A 175 -18.22 -16.88 9.62
CA VAL A 175 -18.77 -16.75 8.29
C VAL A 175 -18.03 -15.62 7.55
N GLY A 176 -17.38 -15.99 6.45
CA GLY A 176 -16.80 -15.03 5.53
C GLY A 176 -17.33 -15.28 4.12
N ILE A 177 -17.54 -14.20 3.35
CA ILE A 177 -18.16 -14.26 2.03
C ILE A 177 -17.32 -13.46 1.03
N GLY A 178 -16.99 -14.10 -0.10
CA GLY A 178 -16.28 -13.42 -1.19
C GLY A 178 -17.29 -13.08 -2.30
N ILE A 179 -17.25 -11.84 -2.82
CA ILE A 179 -18.22 -11.36 -3.80
C ILE A 179 -17.50 -10.71 -4.98
N PRO A 180 -18.11 -10.72 -6.20
CA PRO A 180 -17.54 -10.04 -7.36
C PRO A 180 -17.98 -8.57 -7.33
N GLY A 181 -17.45 -7.83 -6.38
CA GLY A 181 -17.85 -6.45 -6.18
C GLY A 181 -17.45 -6.07 -4.76
N ILE A 182 -18.17 -5.11 -4.16
CA ILE A 182 -17.86 -4.70 -2.80
C ILE A 182 -19.20 -4.43 -2.13
N ALA A 183 -19.15 -4.34 -0.80
CA ALA A 183 -20.22 -3.77 -0.02
C ALA A 183 -19.87 -2.30 0.20
N ASP A 184 -20.85 -1.43 -0.01
CA ASP A 184 -20.70 -0.02 0.34
C ASP A 184 -20.33 0.06 1.81
N VAL A 185 -19.24 0.75 2.11
CA VAL A 185 -18.70 0.75 3.47
C VAL A 185 -19.64 1.51 4.42
N GLU A 186 -20.43 2.48 3.91
CA GLU A 186 -21.27 3.29 4.76
C GLU A 186 -22.66 2.67 4.90
N THR A 187 -23.26 2.22 3.79
CA THR A 187 -24.66 1.76 3.84
C THR A 187 -24.78 0.23 3.99
N GLY A 188 -23.72 -0.52 3.68
CA GLY A 188 -23.75 -1.97 3.73
C GLY A 188 -24.37 -2.59 2.49
N LYS A 189 -24.80 -1.76 1.52
CA LYS A 189 -25.44 -2.28 0.33
C LYS A 189 -24.43 -2.89 -0.63
N LEU A 190 -24.78 -4.03 -1.25
CA LEU A 190 -23.86 -4.66 -2.16
C LEU A 190 -23.86 -3.95 -3.52
N LEU A 191 -22.64 -3.74 -4.04
CA LEU A 191 -22.39 -3.29 -5.40
CA LEU A 191 -22.39 -3.29 -5.40
C LEU A 191 -21.80 -4.48 -6.17
N THR A 192 -22.69 -5.30 -6.71
CA THR A 192 -22.32 -6.58 -7.32
C THR A 192 -23.25 -6.80 -8.50
N SER A 193 -22.88 -6.22 -9.64
CA SER A 193 -23.72 -6.25 -10.83
C SER A 193 -23.92 -7.68 -11.33
N ASN A 194 -22.96 -8.59 -11.10
CA ASN A 194 -23.09 -9.96 -11.56
CA ASN A 194 -23.06 -9.97 -11.54
C ASN A 194 -24.03 -10.79 -10.69
N ILE A 195 -24.51 -10.25 -9.55
CA ILE A 195 -25.41 -10.96 -8.64
CA ILE A 195 -25.41 -10.96 -8.64
C ILE A 195 -26.70 -10.17 -8.47
N PRO A 196 -27.61 -10.16 -9.48
CA PRO A 196 -28.80 -9.32 -9.40
C PRO A 196 -29.67 -9.62 -8.18
N ALA A 197 -29.65 -10.87 -7.69
CA ALA A 197 -30.50 -11.19 -6.54
C ALA A 197 -30.07 -10.43 -5.28
N ALA A 198 -28.78 -10.08 -5.15
CA ALA A 198 -28.28 -9.46 -3.92
C ALA A 198 -27.91 -7.99 -4.11
N MET A 199 -27.88 -7.54 -5.38
CA MET A 199 -27.53 -6.17 -5.72
CA MET A 199 -27.56 -6.17 -5.76
C MET A 199 -28.36 -5.20 -4.88
N GLY A 200 -27.69 -4.26 -4.21
CA GLY A 200 -28.40 -3.22 -3.49
C GLY A 200 -28.81 -3.61 -2.07
N HIS A 201 -28.60 -4.87 -1.67
CA HIS A 201 -29.11 -5.33 -0.38
C HIS A 201 -28.03 -5.25 0.69
N THR A 202 -28.47 -5.14 1.96
CA THR A 202 -27.57 -5.07 3.10
C THR A 202 -27.23 -6.48 3.58
N LEU A 203 -26.47 -7.25 2.76
CA LEU A 203 -26.23 -8.67 2.99
C LEU A 203 -25.61 -8.93 4.36
N GLN A 204 -24.65 -8.12 4.79
CA GLN A 204 -23.96 -8.46 6.02
C GLN A 204 -24.92 -8.37 7.22
N ARG A 205 -25.67 -7.26 7.30
CA ARG A 205 -26.57 -7.00 8.41
CA ARG A 205 -26.52 -7.05 8.45
C ARG A 205 -27.66 -8.07 8.44
N ASP A 206 -28.18 -8.41 7.25
CA ASP A 206 -29.25 -9.39 7.14
C ASP A 206 -28.75 -10.75 7.60
N LEU A 207 -27.54 -11.14 7.19
CA LEU A 207 -27.00 -12.42 7.64
C LEU A 207 -26.67 -12.37 9.12
N GLU A 208 -26.19 -11.24 9.65
CA GLU A 208 -25.84 -11.19 11.06
C GLU A 208 -27.10 -11.44 11.91
N GLU A 209 -28.22 -10.91 11.42
CA GLU A 209 -29.48 -11.01 12.16
C GLU A 209 -29.92 -12.46 12.14
N ARG A 210 -29.91 -13.09 10.95
CA ARG A 210 -30.35 -14.47 10.77
C ARG A 210 -29.42 -15.47 11.46
N LEU A 211 -28.10 -15.20 11.52
CA LEU A 211 -27.15 -16.20 12.00
C LEU A 211 -26.65 -15.90 13.41
N GLN A 212 -27.05 -14.74 13.95
CA GLN A 212 -26.73 -14.34 15.30
C GLN A 212 -25.22 -14.40 15.54
N ARG A 213 -24.42 -13.91 14.58
CA ARG A 213 -22.96 -13.87 14.73
C ARG A 213 -22.42 -12.87 13.70
N PRO A 214 -21.19 -12.34 13.86
CA PRO A 214 -20.65 -11.41 12.88
C PRO A 214 -20.43 -12.11 11.53
N VAL A 215 -20.48 -11.32 10.45
CA VAL A 215 -20.26 -11.82 9.11
C VAL A 215 -19.28 -10.87 8.41
N LYS A 216 -18.28 -11.43 7.69
CA LYS A 216 -17.39 -10.58 6.91
C LYS A 216 -17.61 -10.78 5.43
N ILE A 217 -17.59 -9.66 4.66
CA ILE A 217 -17.79 -9.73 3.22
C ILE A 217 -16.64 -8.99 2.53
N GLU A 218 -15.97 -9.64 1.58
CA GLU A 218 -14.86 -8.99 0.92
C GLU A 218 -14.90 -9.29 -0.57
N ASN A 219 -14.29 -8.36 -1.32
CA ASN A 219 -14.12 -8.50 -2.75
C ASN A 219 -13.31 -9.76 -3.02
N ASP A 220 -13.59 -10.42 -4.15
CA ASP A 220 -13.01 -11.70 -4.54
C ASP A 220 -11.49 -11.58 -4.72
N ALA A 221 -10.98 -10.44 -5.20
CA ALA A 221 -9.52 -10.31 -5.34
C ALA A 221 -8.83 -10.30 -3.98
N ASN A 222 -9.44 -9.66 -2.97
CA ASN A 222 -8.90 -9.73 -1.62
C ASN A 222 -8.88 -11.17 -1.12
N CYS A 223 -9.97 -11.92 -1.39
CA CYS A 223 -10.04 -13.33 -0.96
C CYS A 223 -8.94 -14.14 -1.66
N PHE A 224 -8.72 -13.88 -2.95
CA PHE A 224 -7.68 -14.58 -3.69
C PHE A 224 -6.33 -14.35 -3.00
N ALA A 225 -6.01 -13.09 -2.67
CA ALA A 225 -4.70 -12.80 -2.09
C ALA A 225 -4.57 -13.44 -0.71
N LEU A 226 -5.63 -13.39 0.09
CA LEU A 226 -5.59 -13.93 1.46
C LEU A 226 -5.42 -15.45 1.42
N SER A 227 -6.13 -16.09 0.48
CA SER A 227 -5.99 -17.52 0.25
C SER A 227 -4.52 -17.90 -0.01
N GLU A 228 -3.86 -17.15 -0.90
CA GLU A 228 -2.48 -17.44 -1.25
C GLU A 228 -1.54 -17.12 -0.07
N ALA A 229 -1.85 -16.05 0.67
CA ALA A 229 -1.04 -15.63 1.80
C ALA A 229 -1.04 -16.68 2.93
N TRP A 230 -2.10 -17.50 3.01
CA TRP A 230 -2.19 -18.52 4.04
C TRP A 230 -1.69 -19.88 3.58
N ASP A 231 -1.14 -19.97 2.36
CA ASP A 231 -0.39 -21.16 1.99
C ASP A 231 0.71 -21.38 3.01
N GLU A 232 1.05 -22.66 3.31
CA GLU A 232 2.08 -22.99 4.29
CA GLU A 232 2.07 -22.98 4.30
C GLU A 232 3.38 -22.24 4.00
N ASP A 233 3.72 -22.10 2.71
CA ASP A 233 4.97 -21.48 2.30
CA ASP A 233 4.97 -21.47 2.31
C ASP A 233 5.00 -19.98 2.64
N LEU A 234 3.83 -19.32 2.74
CA LEU A 234 3.81 -17.85 2.89
C LEU A 234 3.38 -17.44 4.30
N ARG A 235 2.93 -18.39 5.12
CA ARG A 235 2.49 -18.04 6.47
C ARG A 235 3.61 -17.32 7.21
N GLY A 236 3.25 -16.29 7.97
CA GLY A 236 4.34 -15.56 8.59
C GLY A 236 5.00 -14.49 7.71
N GLU A 237 4.74 -14.44 6.39
CA GLU A 237 5.26 -13.29 5.64
C GLU A 237 4.59 -11.99 6.12
N PRO A 238 5.35 -10.91 6.38
CA PRO A 238 4.72 -9.66 6.84
C PRO A 238 3.79 -8.99 5.82
N SER A 239 3.99 -9.23 4.52
CA SER A 239 3.09 -8.65 3.53
C SER A 239 3.04 -9.53 2.29
N VAL A 240 1.86 -9.56 1.67
CA VAL A 240 1.65 -10.31 0.44
C VAL A 240 0.77 -9.43 -0.45
N LEU A 241 1.19 -9.26 -1.71
CA LEU A 241 0.37 -8.60 -2.71
C LEU A 241 -0.09 -9.68 -3.70
N GLY A 242 -1.42 -9.82 -3.83
CA GLY A 242 -1.94 -10.69 -4.88
C GLY A 242 -2.37 -9.84 -6.08
N LEU A 243 -2.03 -10.28 -7.31
CA LEU A 243 -2.48 -9.56 -8.50
C LEU A 243 -3.08 -10.59 -9.45
N ILE A 244 -4.31 -10.34 -9.89
CA ILE A 244 -4.95 -11.23 -10.86
C ILE A 244 -4.87 -10.54 -12.21
N LEU A 245 -4.22 -11.19 -13.17
CA LEU A 245 -4.04 -10.60 -14.49
C LEU A 245 -4.96 -11.38 -15.44
N GLY A 246 -6.18 -10.88 -15.60
CA GLY A 246 -7.20 -11.56 -16.39
C GLY A 246 -7.77 -10.61 -17.45
N THR A 247 -9.07 -10.36 -17.40
CA THR A 247 -9.62 -9.37 -18.32
C THR A 247 -9.37 -7.97 -17.77
N GLY A 248 -9.01 -7.91 -16.49
CA GLY A 248 -8.61 -6.66 -15.85
C GLY A 248 -7.46 -6.99 -14.89
N VAL A 249 -7.00 -6.01 -14.11
CA VAL A 249 -5.99 -6.29 -13.09
C VAL A 249 -6.71 -6.17 -11.75
N GLY A 250 -6.80 -7.25 -10.97
CA GLY A 250 -7.35 -7.16 -9.63
C GLY A 250 -6.23 -7.30 -8.60
N GLY A 251 -6.39 -6.64 -7.45
CA GLY A 251 -5.31 -6.66 -6.46
C GLY A 251 -5.86 -6.93 -5.06
N GLY A 252 -5.02 -7.52 -4.22
CA GLY A 252 -5.35 -7.71 -2.81
C GLY A 252 -4.11 -7.47 -1.96
N LEU A 253 -4.26 -6.66 -0.90
CA LEU A 253 -3.15 -6.30 -0.02
CA LEU A 253 -3.14 -6.30 -0.01
C LEU A 253 -3.32 -7.00 1.33
N ILE A 254 -2.36 -7.86 1.68
CA ILE A 254 -2.38 -8.62 2.93
C ILE A 254 -1.19 -8.13 3.76
N PHE A 255 -1.42 -7.82 5.04
CA PHE A 255 -0.35 -7.45 5.96
C PHE A 255 -0.50 -8.31 7.20
N ASN A 256 0.55 -9.05 7.56
CA ASN A 256 0.49 -9.92 8.74
C ASN A 256 -0.73 -10.84 8.69
N GLY A 257 -1.03 -11.39 7.51
CA GLY A 257 -2.07 -12.39 7.38
C GLY A 257 -3.50 -11.83 7.40
N LYS A 258 -3.62 -10.52 7.29
CA LYS A 258 -4.94 -9.89 7.34
C LYS A 258 -5.16 -8.99 6.12
N VAL A 259 -6.36 -9.05 5.53
CA VAL A 259 -6.75 -8.19 4.41
C VAL A 259 -6.80 -6.74 4.87
N HIS A 260 -6.16 -5.85 4.12
CA HIS A 260 -6.40 -4.42 4.25
C HIS A 260 -7.50 -4.08 3.23
N SER A 261 -8.72 -3.78 3.73
CA SER A 261 -9.89 -3.55 2.90
C SER A 261 -9.87 -2.13 2.35
N GLY A 262 -9.39 -1.20 3.17
CA GLY A 262 -9.38 0.20 2.75
C GLY A 262 -10.56 1.00 3.28
N ARG A 263 -10.45 2.33 3.23
CA ARG A 263 -11.48 3.24 3.74
C ARG A 263 -12.83 2.99 3.07
N ALA A 264 -12.87 2.56 1.79
CA ALA A 264 -14.13 2.36 1.10
C ALA A 264 -14.21 0.97 0.48
N ASN A 265 -13.43 0.03 1.03
CA ASN A 265 -13.42 -1.35 0.59
C ASN A 265 -12.84 -1.51 -0.81
N ILE A 266 -12.00 -0.54 -1.23
CA ILE A 266 -11.39 -0.67 -2.54
C ILE A 266 -9.87 -0.56 -2.51
N ALA A 267 -9.21 -0.79 -1.38
CA ALA A 267 -7.76 -1.00 -1.39
C ALA A 267 -7.41 -2.10 -2.38
N GLY A 268 -6.27 -1.98 -3.04
CA GLY A 268 -5.90 -2.99 -4.00
C GLY A 268 -6.37 -2.73 -5.44
N GLU A 269 -7.07 -1.63 -5.71
CA GLU A 269 -7.53 -1.35 -7.07
C GLU A 269 -6.39 -0.77 -7.90
N ILE A 270 -5.26 -1.47 -7.89
CA ILE A 270 -4.04 -1.10 -8.58
C ILE A 270 -4.32 -0.95 -10.08
N GLY A 271 -5.31 -1.70 -10.57
CA GLY A 271 -5.65 -1.63 -11.99
C GLY A 271 -6.11 -0.24 -12.42
N HIS A 272 -6.68 0.55 -11.49
CA HIS A 272 -7.16 1.88 -11.84
C HIS A 272 -6.19 2.97 -11.38
N THR A 273 -4.89 2.69 -11.45
CA THR A 273 -3.91 3.77 -11.35
C THR A 273 -3.35 4.00 -12.76
N ARG A 274 -2.92 5.23 -13.06
CA ARG A 274 -2.51 5.58 -14.42
C ARG A 274 -1.07 5.16 -14.71
N LEU A 275 -0.79 4.88 -15.99
CA LEU A 275 0.55 4.52 -16.43
C LEU A 275 1.53 5.58 -15.88
N PRO A 276 2.66 5.17 -15.27
CA PRO A 276 3.65 6.13 -14.80
C PRO A 276 4.47 6.68 -15.99
N TYR A 277 5.10 7.84 -15.75
CA TYR A 277 5.92 8.53 -16.74
C TYR A 277 6.90 7.57 -17.43
N ASP A 278 7.59 6.72 -16.68
CA ASP A 278 8.57 5.83 -17.28
C ASP A 278 7.93 4.77 -18.18
N ALA A 279 6.70 4.37 -17.87
CA ALA A 279 6.00 3.43 -18.75
C ALA A 279 5.60 4.17 -20.04
N LEU A 280 5.10 5.40 -19.91
CA LEU A 280 4.74 6.19 -21.08
C LEU A 280 5.94 6.37 -22.00
N LYS A 281 7.11 6.63 -21.42
CA LYS A 281 8.34 6.83 -22.17
CA LYS A 281 8.33 6.83 -22.18
C LYS A 281 8.62 5.58 -23.00
N LEU A 282 8.56 4.40 -22.38
CA LEU A 282 8.83 3.16 -23.11
C LEU A 282 7.89 3.05 -24.31
N LEU A 283 6.63 3.48 -24.14
CA LEU A 283 5.63 3.27 -25.18
C LEU A 283 5.59 4.41 -26.19
N GLY A 284 6.39 5.48 -26.03
CA GLY A 284 6.53 6.52 -27.06
C GLY A 284 5.96 7.87 -26.63
N MET A 285 5.76 8.05 -25.32
CA MET A 285 5.38 9.32 -24.72
CA MET A 285 5.38 9.33 -24.74
C MET A 285 4.09 9.83 -25.38
N GLU A 286 4.15 10.93 -26.16
CA GLU A 286 2.91 11.49 -26.73
C GLU A 286 2.35 10.58 -27.84
N ASN A 287 3.14 9.62 -28.32
CA ASN A 287 2.62 8.65 -29.27
C ASN A 287 2.22 7.33 -28.60
N ALA A 288 2.24 7.24 -27.26
CA ALA A 288 1.91 5.98 -26.60
C ALA A 288 0.42 5.69 -26.81
N PRO A 289 -0.01 4.42 -26.88
CA PRO A 289 -1.45 4.13 -26.85
C PRO A 289 -2.05 4.48 -25.49
N ILE A 290 -3.08 5.32 -25.49
CA ILE A 290 -3.78 5.65 -24.25
C ILE A 290 -5.13 4.92 -24.32
N PHE A 291 -5.24 3.74 -23.67
CA PHE A 291 -6.45 2.93 -23.76
C PHE A 291 -7.50 3.52 -22.85
N PRO A 292 -8.76 3.60 -23.32
CA PRO A 292 -9.86 4.06 -22.47
C PRO A 292 -10.13 2.96 -21.45
N CYS A 293 -10.68 3.36 -20.31
CA CYS A 293 -10.86 2.43 -19.21
C CYS A 293 -12.35 2.29 -18.93
N GLY A 294 -12.75 1.08 -18.48
CA GLY A 294 -14.09 0.87 -17.98
C GLY A 294 -14.44 1.76 -16.79
N CYS A 295 -13.44 2.24 -16.03
CA CYS A 295 -13.74 3.15 -14.91
C CYS A 295 -14.05 4.54 -15.42
N LYS A 296 -13.90 4.76 -16.73
CA LYS A 296 -14.17 6.05 -17.36
C LYS A 296 -13.03 7.05 -17.21
N ASN A 297 -11.96 6.72 -16.48
CA ASN A 297 -10.72 7.46 -16.59
C ASN A 297 -10.00 6.97 -17.84
N SER A 298 -8.71 7.27 -17.98
CA SER A 298 -8.04 6.74 -19.15
C SER A 298 -6.56 6.54 -18.89
N GLY A 299 -6.02 5.52 -19.54
CA GLY A 299 -4.63 5.13 -19.38
C GLY A 299 -4.42 4.33 -18.08
N CYS A 300 -5.50 3.80 -17.47
CA CYS A 300 -5.34 2.92 -16.31
C CYS A 300 -4.60 1.66 -16.70
N ILE A 301 -3.75 1.15 -15.78
CA ILE A 301 -2.90 0.00 -16.10
C ILE A 301 -3.71 -1.29 -16.25
N ASP A 302 -4.96 -1.28 -15.79
CA ASP A 302 -5.93 -2.36 -16.00
C ASP A 302 -5.94 -2.79 -17.47
N ASN A 303 -5.72 -1.83 -18.38
CA ASN A 303 -5.88 -2.03 -19.81
C ASN A 303 -4.55 -2.32 -20.50
N TYR A 304 -3.47 -2.49 -19.72
CA TYR A 304 -2.13 -2.77 -20.26
C TYR A 304 -1.56 -4.06 -19.71
N LEU A 305 -1.75 -4.33 -18.40
CA LEU A 305 -0.99 -5.42 -17.79
C LEU A 305 -1.84 -6.69 -17.62
N SER A 306 -3.15 -6.59 -17.83
CA SER A 306 -4.01 -7.77 -17.80
C SER A 306 -3.76 -8.61 -19.06
N GLY A 307 -4.40 -9.79 -19.14
CA GLY A 307 -4.42 -10.58 -20.36
C GLY A 307 -5.00 -9.78 -21.53
N ARG A 308 -6.10 -9.06 -21.26
CA ARG A 308 -6.69 -8.24 -22.30
C ARG A 308 -5.70 -7.13 -22.71
N GLY A 309 -5.00 -6.54 -21.73
CA GLY A 309 -4.03 -5.49 -22.00
C GLY A 309 -2.88 -6.00 -22.87
N PHE A 310 -2.42 -7.20 -22.58
CA PHE A 310 -1.40 -7.88 -23.36
C PHE A 310 -1.85 -7.98 -24.82
N GLU A 311 -3.12 -8.36 -25.02
CA GLU A 311 -3.69 -8.47 -26.36
C GLU A 311 -3.81 -7.10 -27.04
N GLN A 312 -4.28 -6.09 -26.29
CA GLN A 312 -4.55 -4.79 -26.88
C GLN A 312 -3.24 -4.10 -27.29
N LEU A 313 -2.19 -4.31 -26.48
CA LEU A 313 -0.88 -3.75 -26.84
C LEU A 313 -0.36 -4.42 -28.12
N TYR A 314 -0.53 -5.75 -28.20
CA TYR A 314 -0.10 -6.45 -29.40
C TYR A 314 -0.79 -5.87 -30.64
N ASP A 315 -2.12 -5.70 -30.56
CA ASP A 315 -2.91 -5.24 -31.69
C ASP A 315 -2.54 -3.81 -32.06
N HIS A 316 -2.31 -2.96 -31.05
CA HIS A 316 -1.99 -1.55 -31.32
C HIS A 316 -0.70 -1.44 -32.15
N TYR A 317 0.32 -2.21 -31.79
CA TYR A 317 1.59 -2.08 -32.46
C TYR A 317 1.67 -2.92 -33.74
N PHE A 318 0.99 -4.07 -33.81
CA PHE A 318 1.23 -4.98 -34.92
C PHE A 318 0.01 -5.13 -35.83
N SER A 319 -1.08 -4.42 -35.54
CA SER A 319 -2.30 -4.37 -36.34
C SER A 319 -2.84 -5.77 -36.69
N GLU A 320 -2.96 -6.60 -35.67
CA GLU A 320 -3.52 -7.92 -35.83
C GLU A 320 -4.12 -8.34 -34.49
N LYS A 321 -5.39 -8.71 -34.47
CA LYS A 321 -6.03 -8.99 -33.20
C LYS A 321 -5.86 -10.48 -32.88
N LEU A 322 -4.88 -10.80 -32.02
CA LEU A 322 -4.60 -12.17 -31.61
C LEU A 322 -4.93 -12.32 -30.13
N SER A 323 -5.28 -13.53 -29.71
CA SER A 323 -5.49 -13.79 -28.29
C SER A 323 -4.11 -13.94 -27.63
N ALA A 324 -4.08 -13.85 -26.29
CA ALA A 324 -2.81 -14.01 -25.60
C ALA A 324 -2.16 -15.37 -25.92
N PRO A 325 -2.88 -16.52 -25.83
CA PRO A 325 -2.28 -17.82 -26.15
C PRO A 325 -1.70 -17.91 -27.57
N GLU A 326 -2.36 -17.28 -28.56
CA GLU A 326 -1.86 -17.26 -29.93
C GLU A 326 -0.53 -16.48 -30.01
N ILE A 327 -0.46 -15.32 -29.33
CA ILE A 327 0.75 -14.51 -29.29
C ILE A 327 1.87 -15.31 -28.65
N ILE A 328 1.58 -15.92 -27.50
CA ILE A 328 2.58 -16.71 -26.78
C ILE A 328 3.06 -17.88 -27.63
N ALA A 329 2.14 -18.56 -28.34
CA ALA A 329 2.52 -19.66 -29.22
C ALA A 329 3.45 -19.15 -30.33
N HIS A 330 3.14 -17.96 -30.88
CA HIS A 330 4.01 -17.37 -31.87
C HIS A 330 5.37 -17.01 -31.26
N TYR A 331 5.36 -16.52 -30.02
CA TYR A 331 6.58 -16.16 -29.34
C TYR A 331 7.48 -17.39 -29.26
N GLU A 332 6.90 -18.51 -28.83
CA GLU A 332 7.68 -19.72 -28.64
C GLU A 332 8.27 -20.23 -29.97
N GLN A 333 7.65 -19.86 -31.11
CA GLN A 333 8.12 -20.25 -32.43
CA GLN A 333 8.17 -20.29 -32.40
C GLN A 333 9.13 -19.24 -32.96
N GLY A 334 9.43 -18.18 -32.19
CA GLY A 334 10.45 -17.22 -32.60
C GLY A 334 9.96 -16.23 -33.65
N GLU A 335 8.64 -16.16 -33.86
CA GLU A 335 8.09 -15.19 -34.79
C GLU A 335 8.45 -13.79 -34.30
N ARG A 336 8.95 -12.93 -35.20
CA ARG A 336 9.62 -11.71 -34.77
CA ARG A 336 9.61 -11.68 -34.82
C ARG A 336 8.63 -10.71 -34.14
N ARG A 337 7.39 -10.63 -34.63
CA ARG A 337 6.46 -9.64 -34.08
C ARG A 337 6.11 -9.98 -32.63
N ALA A 338 5.85 -11.27 -32.37
CA ALA A 338 5.52 -11.76 -31.06
C ALA A 338 6.70 -11.59 -30.11
N VAL A 339 7.92 -11.80 -30.61
CA VAL A 339 9.13 -11.62 -29.82
C VAL A 339 9.27 -10.15 -29.42
N GLN A 340 9.00 -9.23 -30.36
CA GLN A 340 9.10 -7.80 -30.06
C GLN A 340 8.02 -7.39 -29.06
N HIS A 341 6.81 -7.90 -29.24
CA HIS A 341 5.69 -7.63 -28.34
C HIS A 341 6.06 -8.07 -26.92
N VAL A 342 6.57 -9.30 -26.78
CA VAL A 342 6.85 -9.87 -25.47
C VAL A 342 7.92 -9.06 -24.75
N GLU A 343 8.93 -8.61 -25.52
CA GLU A 343 10.03 -7.82 -25.00
C GLU A 343 9.46 -6.51 -24.45
N ARG A 344 8.58 -5.86 -25.20
CA ARG A 344 7.96 -4.61 -24.82
C ARG A 344 7.08 -4.86 -23.58
N PHE A 345 6.29 -5.95 -23.62
CA PHE A 345 5.38 -6.24 -22.52
C PHE A 345 6.13 -6.49 -21.21
N MET A 346 7.20 -7.30 -21.24
CA MET A 346 7.92 -7.64 -20.01
C MET A 346 8.58 -6.39 -19.42
N GLU A 347 9.08 -5.50 -20.30
CA GLU A 347 9.67 -4.28 -19.79
C GLU A 347 8.59 -3.38 -19.20
N LEU A 348 7.43 -3.30 -19.89
CA LEU A 348 6.34 -2.47 -19.41
C LEU A 348 5.86 -2.97 -18.04
N LEU A 349 5.69 -4.29 -17.92
CA LEU A 349 5.26 -4.89 -16.67
C LEU A 349 6.27 -4.57 -15.56
N ALA A 350 7.57 -4.73 -15.83
CA ALA A 350 8.61 -4.45 -14.83
C ALA A 350 8.60 -3.00 -14.40
N ILE A 351 8.41 -2.06 -15.34
CA ILE A 351 8.37 -0.65 -14.97
C ILE A 351 7.15 -0.38 -14.08
N CYS A 352 5.96 -0.84 -14.50
CA CYS A 352 4.77 -0.52 -13.72
C CYS A 352 4.85 -1.19 -12.34
N LEU A 353 5.30 -2.45 -12.28
CA LEU A 353 5.37 -3.10 -10.98
C LEU A 353 6.47 -2.44 -10.12
N ALA A 354 7.58 -2.00 -10.73
CA ALA A 354 8.60 -1.30 -9.94
C ALA A 354 8.05 -0.05 -9.25
N ASN A 355 7.19 0.70 -9.96
CA ASN A 355 6.55 1.86 -9.38
C ASN A 355 5.70 1.43 -8.18
N ILE A 356 4.85 0.41 -8.40
CA ILE A 356 4.00 -0.09 -7.31
CA ILE A 356 4.00 -0.13 -7.33
C ILE A 356 4.87 -0.58 -6.14
N PHE A 357 5.94 -1.32 -6.43
CA PHE A 357 6.77 -1.88 -5.37
C PHE A 357 7.56 -0.80 -4.61
N THR A 358 7.80 0.36 -5.22
CA THR A 358 8.55 1.41 -4.51
C THR A 358 7.65 2.03 -3.43
N CYS A 359 6.34 2.04 -3.67
CA CYS A 359 5.40 2.46 -2.64
C CYS A 359 5.13 1.34 -1.62
N LEU A 360 4.85 0.11 -2.09
CA LEU A 360 4.33 -0.94 -1.20
C LEU A 360 5.41 -1.85 -0.65
N ASP A 361 6.52 -2.07 -1.37
CA ASP A 361 7.63 -2.92 -0.96
C ASP A 361 7.13 -4.26 -0.42
N PRO A 362 6.29 -5.02 -1.19
CA PRO A 362 5.73 -6.26 -0.66
C PRO A 362 6.82 -7.33 -0.52
N HIS A 363 6.66 -8.24 0.45
CA HIS A 363 7.60 -9.32 0.66
C HIS A 363 7.37 -10.39 -0.41
N VAL A 364 6.09 -10.65 -0.76
CA VAL A 364 5.80 -11.67 -1.76
C VAL A 364 4.71 -11.13 -2.68
N VAL A 365 4.82 -11.45 -3.97
CA VAL A 365 3.84 -11.06 -4.96
C VAL A 365 3.34 -12.35 -5.58
N VAL A 366 2.01 -12.55 -5.57
CA VAL A 366 1.43 -13.77 -6.11
C VAL A 366 0.54 -13.40 -7.28
N LEU A 367 0.81 -14.04 -8.44
CA LEU A 367 0.07 -13.74 -9.66
C LEU A 367 -0.98 -14.79 -9.95
N GLY A 368 -2.21 -14.34 -10.24
CA GLY A 368 -3.29 -15.23 -10.69
C GLY A 368 -3.83 -14.77 -12.04
N GLY A 369 -4.91 -15.42 -12.50
CA GLY A 369 -5.52 -15.07 -13.77
C GLY A 369 -4.80 -15.75 -14.94
N GLY A 370 -5.41 -15.70 -16.13
CA GLY A 370 -4.89 -16.46 -17.27
C GLY A 370 -3.44 -16.11 -17.58
N LEU A 371 -3.08 -14.82 -17.48
CA LEU A 371 -1.73 -14.42 -17.88
C LEU A 371 -0.68 -14.90 -16.90
N SER A 372 -1.08 -15.25 -15.65
CA SER A 372 -0.08 -15.78 -14.72
C SER A 372 0.41 -17.16 -15.18
N ASN A 373 -0.24 -17.77 -16.18
CA ASN A 373 0.26 -19.04 -16.71
C ASN A 373 1.43 -18.83 -17.67
N PHE A 374 1.69 -17.57 -18.08
CA PHE A 374 2.84 -17.32 -18.95
C PHE A 374 4.11 -17.35 -18.11
N GLU A 375 4.80 -18.50 -18.09
CA GLU A 375 5.89 -18.82 -17.19
C GLU A 375 7.07 -17.86 -17.35
N LEU A 376 7.24 -17.33 -18.57
CA LEU A 376 8.35 -16.40 -18.81
C LEU A 376 8.33 -15.21 -17.84
N ILE A 377 7.13 -14.79 -17.37
CA ILE A 377 7.00 -13.68 -16.43
C ILE A 377 7.93 -13.82 -15.22
N TYR A 378 8.00 -15.04 -14.66
CA TYR A 378 8.71 -15.35 -13.43
C TYR A 378 10.21 -15.33 -13.68
N GLN A 379 10.64 -15.49 -14.95
CA GLN A 379 12.05 -15.42 -15.29
CA GLN A 379 12.04 -15.43 -15.31
C GLN A 379 12.43 -13.98 -15.59
N GLU A 380 11.56 -13.24 -16.26
CA GLU A 380 11.93 -11.93 -16.78
C GLU A 380 11.81 -10.82 -15.72
N LEU A 381 10.81 -10.90 -14.83
CA LEU A 381 10.63 -9.86 -13.83
C LEU A 381 11.87 -9.68 -12.96
N PRO A 382 12.45 -10.73 -12.36
CA PRO A 382 13.65 -10.53 -11.54
C PRO A 382 14.79 -9.89 -12.34
N LYS A 383 14.85 -10.09 -13.67
CA LYS A 383 15.96 -9.54 -14.43
CA LYS A 383 15.96 -9.54 -14.43
C LYS A 383 15.71 -8.07 -14.71
N ARG A 384 14.44 -7.70 -14.92
CA ARG A 384 14.16 -6.35 -15.40
C ARG A 384 13.79 -5.36 -14.29
N LEU A 385 13.33 -5.87 -13.12
CA LEU A 385 12.88 -4.95 -12.09
C LEU A 385 14.02 -4.07 -11.53
N PRO A 386 15.23 -4.60 -11.25
CA PRO A 386 16.27 -3.78 -10.58
C PRO A 386 16.56 -2.42 -11.17
N ALA A 387 16.59 -2.30 -12.51
CA ALA A 387 16.82 -1.02 -13.17
C ALA A 387 15.77 0.00 -12.79
N HIS A 388 14.53 -0.41 -12.46
CA HIS A 388 13.50 0.58 -12.21
C HIS A 388 13.21 0.80 -10.73
N LEU A 389 13.78 -0.05 -9.88
CA LEU A 389 13.62 0.07 -8.44
C LEU A 389 14.73 0.98 -7.88
N LEU A 390 14.59 1.42 -6.63
CA LEU A 390 15.64 2.14 -5.93
C LEU A 390 16.88 1.27 -5.87
N HIS A 391 18.04 1.96 -5.82
CA HIS A 391 19.32 1.25 -5.73
C HIS A 391 19.35 0.30 -4.53
N VAL A 392 18.78 0.70 -3.39
CA VAL A 392 18.82 -0.13 -2.18
C VAL A 392 17.69 -1.17 -2.14
N ALA A 393 16.76 -1.15 -3.10
CA ALA A 393 15.62 -2.05 -3.05
C ALA A 393 16.06 -3.49 -3.24
N LYS A 394 15.27 -4.45 -2.74
CA LYS A 394 15.51 -5.86 -3.01
C LYS A 394 14.24 -6.44 -3.65
N LEU A 395 14.38 -7.53 -4.38
CA LEU A 395 13.26 -8.08 -5.14
C LEU A 395 12.31 -8.80 -4.20
N PRO A 396 10.97 -8.69 -4.38
CA PRO A 396 10.08 -9.56 -3.66
C PRO A 396 10.27 -10.96 -4.22
N LYS A 397 9.78 -11.97 -3.49
CA LYS A 397 9.51 -13.25 -4.08
C LYS A 397 8.26 -13.13 -4.99
N ILE A 398 8.37 -13.56 -6.27
CA ILE A 398 7.26 -13.45 -7.21
C ILE A 398 6.89 -14.85 -7.66
N ILE A 399 5.65 -15.30 -7.40
CA ILE A 399 5.26 -16.67 -7.69
C ILE A 399 3.89 -16.72 -8.36
N LYS A 400 3.59 -17.87 -8.97
CA LYS A 400 2.26 -18.09 -9.53
C LYS A 400 1.35 -18.60 -8.42
N ALA A 401 0.08 -18.20 -8.43
CA ALA A 401 -0.90 -18.67 -7.45
C ALA A 401 -0.90 -20.20 -7.40
N ARG A 402 -1.09 -20.75 -6.19
CA ARG A 402 -1.11 -22.19 -6.00
CA ARG A 402 -1.11 -22.19 -5.93
C ARG A 402 -2.52 -22.74 -5.79
N HIS A 403 -3.49 -21.91 -5.37
CA HIS A 403 -4.77 -22.45 -4.91
C HIS A 403 -5.91 -22.46 -5.93
N GLY A 404 -5.77 -21.73 -7.04
CA GLY A 404 -6.69 -21.93 -8.16
C GLY A 404 -8.17 -21.76 -7.83
N ASP A 405 -8.98 -22.79 -8.15
CA ASP A 405 -10.43 -22.63 -8.06
C ASP A 405 -10.87 -22.59 -6.60
N ALA A 406 -10.00 -23.01 -5.67
CA ALA A 406 -10.39 -23.07 -4.26
C ALA A 406 -10.14 -21.72 -3.58
N GLY A 407 -9.57 -20.78 -4.31
CA GLY A 407 -9.16 -19.52 -3.73
C GLY A 407 -10.30 -18.72 -3.10
N GLY A 408 -11.43 -18.65 -3.81
CA GLY A 408 -12.52 -17.82 -3.31
C GLY A 408 -13.01 -18.29 -1.93
N VAL A 409 -13.25 -19.61 -1.79
CA VAL A 409 -13.79 -20.10 -0.52
CA VAL A 409 -13.78 -20.17 -0.54
C VAL A 409 -12.74 -20.04 0.57
N ARG A 410 -11.47 -20.37 0.23
CA ARG A 410 -10.38 -20.33 1.20
C ARG A 410 -10.24 -18.92 1.76
N GLY A 411 -10.12 -17.93 0.87
CA GLY A 411 -9.89 -16.56 1.36
C GLY A 411 -11.08 -16.03 2.14
N ALA A 412 -12.29 -16.34 1.68
CA ALA A 412 -13.47 -15.91 2.41
C ALA A 412 -13.42 -16.50 3.82
N ALA A 413 -13.11 -17.79 3.94
CA ALA A 413 -13.09 -18.44 5.26
C ALA A 413 -12.04 -17.76 6.13
N PHE A 414 -10.88 -17.48 5.55
CA PHE A 414 -9.71 -17.00 6.26
C PHE A 414 -9.89 -15.57 6.75
N LEU A 415 -10.95 -14.88 6.30
CA LEU A 415 -11.23 -13.53 6.78
C LEU A 415 -11.41 -13.52 8.30
N ASN A 416 -11.75 -14.68 8.88
CA ASN A 416 -12.06 -14.68 10.31
C ASN A 416 -10.96 -15.33 11.14
N LEU A 417 -9.77 -15.52 10.58
CA LEU A 417 -8.68 -16.13 11.33
C LEU A 417 -8.25 -15.23 12.49
N GLN B 113 7.52 -6.30 37.05
CA GLN B 113 7.86 -4.92 36.58
C GLN B 113 6.83 -4.46 35.56
N GLY B 114 6.61 -3.13 35.51
CA GLY B 114 5.68 -2.52 34.58
C GLY B 114 6.24 -2.45 33.16
N THR B 115 5.36 -2.26 32.18
CA THR B 115 5.79 -1.97 30.81
C THR B 115 6.34 -0.56 30.73
N MET B 116 7.41 -0.41 29.95
CA MET B 116 7.97 0.89 29.67
C MET B 116 8.46 0.81 28.22
N TYR B 117 8.15 1.86 27.44
CA TYR B 117 8.51 1.90 26.05
C TYR B 117 9.53 3.01 25.86
N TYR B 118 10.76 2.68 25.40
CA TYR B 118 11.70 3.73 25.08
C TYR B 118 11.76 3.99 23.57
N GLY B 119 11.95 5.25 23.23
CA GLY B 119 12.15 5.66 21.85
C GLY B 119 13.36 6.57 21.75
N PHE B 120 14.13 6.36 20.68
CA PHE B 120 15.24 7.23 20.36
C PHE B 120 15.02 7.81 18.96
N ASP B 121 15.31 9.10 18.85
CA ASP B 121 15.35 9.75 17.54
CA ASP B 121 15.33 9.83 17.57
C ASP B 121 16.79 10.21 17.31
N ILE B 122 17.43 9.55 16.32
CA ILE B 122 18.85 9.81 16.06
C ILE B 122 18.96 10.88 14.99
N GLY B 123 19.50 12.04 15.34
CA GLY B 123 19.73 13.09 14.35
C GLY B 123 21.23 13.28 14.13
N GLY B 124 21.60 14.14 13.18
CA GLY B 124 22.99 14.34 12.88
C GLY B 124 23.76 14.94 14.06
N THR B 125 23.10 15.78 14.88
CA THR B 125 23.84 16.38 15.98
C THR B 125 23.31 16.00 17.36
N LYS B 126 22.02 15.61 17.47
CA LYS B 126 21.44 15.28 18.76
CA LYS B 126 21.43 15.28 18.75
C LYS B 126 20.77 13.90 18.68
N ILE B 127 20.82 13.17 19.80
CA ILE B 127 20.03 11.97 20.03
C ILE B 127 18.98 12.36 21.05
N GLU B 128 17.70 12.21 20.70
CA GLU B 128 16.62 12.50 21.62
CA GLU B 128 16.59 12.50 21.58
C GLU B 128 16.05 11.18 22.15
N PHE B 129 15.73 11.19 23.45
CA PHE B 129 15.25 9.99 24.13
C PHE B 129 13.94 10.30 24.84
N GLY B 130 13.03 9.33 24.77
CA GLY B 130 11.77 9.40 25.49
C GLY B 130 11.39 8.05 26.09
N ALA B 131 10.77 8.09 27.28
CA ALA B 131 10.21 6.88 27.86
C ALA B 131 8.71 7.10 28.05
N PHE B 132 7.90 6.11 27.70
CA PHE B 132 6.45 6.19 27.80
C PHE B 132 5.97 4.98 28.61
N ASP B 133 5.08 5.18 29.59
CA ASP B 133 4.59 4.09 30.43
C ASP B 133 3.42 3.40 29.74
N ALA B 134 2.78 2.45 30.44
CA ALA B 134 1.76 1.60 29.85
C ALA B 134 0.57 2.45 29.37
N ASP B 135 0.40 3.64 29.95
CA ASP B 135 -0.68 4.52 29.53
C ASP B 135 -0.22 5.51 28.44
N LEU B 136 1.02 5.36 27.97
CA LEU B 136 1.63 6.26 26.99
C LEU B 136 1.80 7.65 27.58
N VAL B 137 1.98 7.76 28.90
CA VAL B 137 2.44 9.00 29.50
C VAL B 137 3.95 9.08 29.36
N ARG B 138 4.42 10.23 28.89
CA ARG B 138 5.86 10.41 28.78
C ARG B 138 6.42 10.65 30.18
N VAL B 139 7.37 9.81 30.58
CA VAL B 139 7.94 9.89 31.91
C VAL B 139 9.43 10.17 31.89
N ALA B 140 10.07 10.19 30.71
CA ALA B 140 11.45 10.67 30.63
C ALA B 140 11.68 11.35 29.29
N ARG B 141 12.61 12.28 29.31
CA ARG B 141 12.98 13.07 28.17
C ARG B 141 14.43 13.46 28.36
N GLU B 142 15.28 13.10 27.40
CA GLU B 142 16.70 13.43 27.48
C GLU B 142 17.16 13.75 26.07
N ARG B 143 18.16 14.64 25.95
CA ARG B 143 18.79 15.03 24.71
C ARG B 143 20.30 14.93 24.91
N VAL B 144 21.02 14.20 24.07
CA VAL B 144 22.47 14.11 24.20
C VAL B 144 23.09 14.35 22.83
N ALA B 145 24.38 14.67 22.78
CA ALA B 145 25.06 14.92 21.51
C ALA B 145 25.21 13.61 20.75
N THR B 146 25.04 13.65 19.42
CA THR B 146 25.35 12.48 18.62
C THR B 146 26.86 12.46 18.37
N PRO B 147 27.61 11.42 18.77
CA PRO B 147 29.04 11.36 18.43
C PRO B 147 29.32 11.50 16.93
N THR B 148 30.36 12.26 16.56
CA THR B 148 30.55 12.64 15.17
C THR B 148 31.31 11.54 14.42
N GLU B 149 32.14 10.78 15.15
CA GLU B 149 33.02 9.82 14.48
C GLU B 149 32.94 8.45 15.13
N SER B 150 32.94 8.39 16.46
CA SER B 150 33.19 7.12 17.12
C SER B 150 31.92 6.27 17.24
N TYR B 151 31.93 5.08 16.63
CA TYR B 151 30.81 4.15 16.75
C TYR B 151 30.68 3.69 18.20
N ALA B 152 31.82 3.43 18.85
CA ALA B 152 31.84 3.01 20.25
C ALA B 152 31.08 4.02 21.11
N ALA B 153 31.39 5.31 20.90
CA ALA B 153 30.77 6.39 21.66
C ALA B 153 29.26 6.47 21.32
N PHE B 154 28.90 6.18 20.06
CA PHE B 154 27.52 6.18 19.62
C PHE B 154 26.72 5.13 20.38
N LEU B 155 27.21 3.87 20.41
CA LEU B 155 26.57 2.82 21.16
C LEU B 155 26.46 3.19 22.64
N ASP B 156 27.52 3.76 23.22
CA ASP B 156 27.53 4.04 24.65
C ASP B 156 26.41 5.02 25.00
N ALA B 157 26.23 6.03 24.14
CA ALA B 157 25.24 7.08 24.43
C ALA B 157 23.87 6.43 24.54
N ILE B 158 23.57 5.48 23.67
CA ILE B 158 22.25 4.84 23.65
C ILE B 158 22.14 3.89 24.84
N VAL B 159 23.14 3.02 25.00
CA VAL B 159 23.13 2.02 26.07
C VAL B 159 22.99 2.69 27.44
N THR B 160 23.75 3.79 27.66
CA THR B 160 23.65 4.57 28.89
C THR B 160 22.22 5.05 29.15
N LEU B 161 21.56 5.59 28.14
CA LEU B 161 20.24 6.14 28.34
C LEU B 161 19.28 5.02 28.73
N VAL B 162 19.41 3.85 28.07
CA VAL B 162 18.53 2.72 28.36
C VAL B 162 18.75 2.24 29.80
N ASN B 163 20.01 2.03 30.17
CA ASN B 163 20.34 1.47 31.48
C ASN B 163 19.93 2.43 32.60
N ASN B 164 20.18 3.73 32.43
CA ASN B 164 19.77 4.72 33.41
C ASN B 164 18.26 4.73 33.60
N ALA B 165 17.51 4.63 32.49
CA ALA B 165 16.06 4.67 32.58
C ALA B 165 15.56 3.39 33.28
N ASP B 166 16.19 2.25 32.95
CA ASP B 166 15.74 0.98 33.50
C ASP B 166 15.90 1.00 35.03
N ALA B 167 17.03 1.55 35.51
CA ALA B 167 17.35 1.68 36.93
C ALA B 167 16.37 2.65 37.58
N GLU B 168 16.08 3.77 36.92
CA GLU B 168 15.24 4.82 37.46
C GLU B 168 13.80 4.31 37.60
N PHE B 169 13.30 3.56 36.62
CA PHE B 169 11.88 3.23 36.66
C PHE B 169 11.65 1.81 37.17
N GLY B 170 12.74 1.06 37.38
CA GLY B 170 12.69 -0.32 37.83
C GLY B 170 12.08 -1.28 36.81
N VAL B 171 12.43 -1.10 35.52
CA VAL B 171 11.84 -1.85 34.42
C VAL B 171 12.96 -2.30 33.50
N LYS B 172 12.64 -3.19 32.54
CA LYS B 172 13.49 -3.40 31.38
CA LYS B 172 13.47 -3.45 31.38
C LYS B 172 12.72 -2.90 30.16
N GLY B 173 12.97 -1.64 29.77
CA GLY B 173 12.13 -1.04 28.73
C GLY B 173 12.36 -1.63 27.33
N THR B 174 11.34 -1.60 26.46
CA THR B 174 11.46 -1.96 25.05
C THR B 174 12.20 -0.82 24.35
N VAL B 175 12.90 -1.14 23.24
CA VAL B 175 13.77 -0.16 22.61
C VAL B 175 13.39 -0.05 21.13
N GLY B 176 13.00 1.16 20.73
CA GLY B 176 12.77 1.49 19.33
C GLY B 176 13.61 2.71 18.94
N ILE B 177 14.11 2.75 17.69
CA ILE B 177 15.04 3.78 17.26
C ILE B 177 14.58 4.27 15.88
N GLY B 178 14.39 5.57 15.75
CA GLY B 178 14.12 6.20 14.45
C GLY B 178 15.41 6.78 13.88
N ILE B 179 15.68 6.57 12.58
CA ILE B 179 16.93 7.01 11.94
C ILE B 179 16.61 7.72 10.62
N PRO B 180 17.45 8.67 10.17
CA PRO B 180 17.29 9.31 8.85
C PRO B 180 17.91 8.41 7.78
N GLY B 181 17.27 7.29 7.52
CA GLY B 181 17.82 6.29 6.62
C GLY B 181 17.14 4.95 6.90
N ILE B 182 17.82 3.84 6.59
CA ILE B 182 17.27 2.54 6.88
C ILE B 182 18.40 1.66 7.34
N ALA B 183 18.03 0.53 7.93
CA ALA B 183 18.97 -0.59 8.10
C ALA B 183 18.80 -1.53 6.93
N ASP B 184 19.91 -1.96 6.32
CA ASP B 184 19.88 -3.01 5.32
C ASP B 184 19.19 -4.24 5.92
N VAL B 185 18.13 -4.71 5.26
CA VAL B 185 17.30 -5.76 5.85
C VAL B 185 18.10 -7.08 5.89
N GLU B 186 19.09 -7.27 5.00
CA GLU B 186 19.83 -8.52 4.92
C GLU B 186 21.05 -8.50 5.84
N THR B 187 21.83 -7.40 5.82
CA THR B 187 23.10 -7.36 6.54
C THR B 187 22.98 -6.69 7.92
N GLY B 188 21.94 -5.90 8.15
CA GLY B 188 21.77 -5.14 9.37
C GLY B 188 22.58 -3.85 9.38
N LYS B 189 23.34 -3.56 8.32
CA LYS B 189 24.15 -2.35 8.32
C LYS B 189 23.31 -1.10 8.07
N LEU B 190 23.65 -0.01 8.76
CA LEU B 190 22.89 1.22 8.60
C LEU B 190 23.29 1.94 7.32
N LEU B 191 22.27 2.40 6.59
CA LEU B 191 22.41 3.33 5.47
C LEU B 191 21.86 4.69 5.90
N THR B 192 22.73 5.48 6.51
CA THR B 192 22.35 6.74 7.16
C THR B 192 23.49 7.74 6.93
N SER B 193 23.43 8.41 5.77
CA SER B 193 24.48 9.34 5.37
CA SER B 193 24.45 9.37 5.36
C SER B 193 24.64 10.50 6.36
N ASN B 194 23.56 10.93 7.04
CA ASN B 194 23.61 12.04 7.97
CA ASN B 194 23.65 12.05 7.96
C ASN B 194 24.25 11.65 9.31
N ILE B 195 24.53 10.34 9.53
CA ILE B 195 25.08 9.86 10.81
C ILE B 195 26.39 9.10 10.55
N PRO B 196 27.50 9.80 10.24
CA PRO B 196 28.74 9.10 9.87
C PRO B 196 29.27 8.17 10.95
N ALA B 197 28.94 8.42 12.23
CA ALA B 197 29.46 7.53 13.27
C ALA B 197 28.83 6.13 13.19
N ALA B 198 27.60 6.01 12.66
CA ALA B 198 26.91 4.73 12.67
C ALA B 198 26.78 4.13 11.27
N MET B 199 27.10 4.94 10.25
CA MET B 199 27.04 4.52 8.85
CA MET B 199 27.04 4.52 8.85
C MET B 199 27.78 3.20 8.67
N GLY B 200 27.11 2.20 8.08
CA GLY B 200 27.76 0.93 7.79
C GLY B 200 27.78 -0.06 8.96
N HIS B 201 27.29 0.34 10.14
CA HIS B 201 27.40 -0.54 11.31
C HIS B 201 26.12 -1.33 11.55
N THR B 202 26.27 -2.51 12.18
CA THR B 202 25.15 -3.37 12.51
C THR B 202 24.53 -2.94 13.84
N LEU B 203 23.85 -1.78 13.86
CA LEU B 203 23.38 -1.13 15.08
C LEU B 203 22.42 -2.03 15.85
N GLN B 204 21.50 -2.71 15.14
CA GLN B 204 20.51 -3.48 15.88
C GLN B 204 21.18 -4.64 16.64
N ARG B 205 22.03 -5.39 15.93
CA ARG B 205 22.69 -6.55 16.51
CA ARG B 205 22.67 -6.55 16.53
C ARG B 205 23.59 -6.12 17.68
N ASP B 206 24.32 -5.02 17.48
CA ASP B 206 25.23 -4.55 18.52
C ASP B 206 24.46 -4.09 19.75
N LEU B 207 23.32 -3.40 19.57
CA LEU B 207 22.54 -2.99 20.73
C LEU B 207 21.87 -4.19 21.37
N GLU B 208 21.44 -5.17 20.56
CA GLU B 208 20.76 -6.31 21.16
C GLU B 208 21.75 -7.04 22.10
N GLU B 209 23.03 -7.07 21.71
CA GLU B 209 24.03 -7.78 22.47
C GLU B 209 24.25 -7.04 23.78
N ARG B 210 24.46 -5.72 23.71
CA ARG B 210 24.72 -4.88 24.87
C ARG B 210 23.52 -4.79 25.82
N LEU B 211 22.29 -4.83 25.30
CA LEU B 211 21.13 -4.57 26.14
C LEU B 211 20.35 -5.84 26.46
N GLN B 212 20.75 -6.96 25.85
CA GLN B 212 20.14 -8.26 26.13
C GLN B 212 18.63 -8.21 25.90
N ARG B 213 18.19 -7.58 24.80
CA ARG B 213 16.76 -7.53 24.48
C ARG B 213 16.62 -7.17 23.00
N PRO B 214 15.44 -7.41 22.37
CA PRO B 214 15.23 -7.00 20.98
C PRO B 214 15.29 -5.48 20.82
N VAL B 215 15.71 -5.05 19.63
CA VAL B 215 15.76 -3.64 19.28
C VAL B 215 15.10 -3.48 17.93
N LYS B 216 14.22 -2.48 17.79
CA LYS B 216 13.62 -2.18 16.50
C LYS B 216 14.18 -0.87 15.97
N ILE B 217 14.53 -0.85 14.67
CA ILE B 217 15.06 0.34 14.03
C ILE B 217 14.22 0.65 12.79
N GLU B 218 13.73 1.90 12.67
CA GLU B 218 12.88 2.23 11.54
C GLU B 218 13.26 3.61 11.02
N ASN B 219 12.99 3.81 9.72
CA ASN B 219 13.13 5.09 9.06
C ASN B 219 12.26 6.11 9.82
N ASP B 220 12.71 7.36 9.82
CA ASP B 220 12.09 8.45 10.54
C ASP B 220 10.68 8.74 10.00
N ALA B 221 10.44 8.54 8.69
CA ALA B 221 9.09 8.79 8.18
C ALA B 221 8.10 7.75 8.70
N ASN B 222 8.54 6.48 8.85
CA ASN B 222 7.68 5.49 9.48
C ASN B 222 7.36 5.88 10.92
N CYS B 223 8.35 6.38 11.66
CA CYS B 223 8.13 6.81 13.05
C CYS B 223 7.15 7.97 13.10
N PHE B 224 7.28 8.92 12.15
CA PHE B 224 6.36 10.03 12.08
C PHE B 224 4.93 9.51 11.93
N ALA B 225 4.72 8.60 10.99
CA ALA B 225 3.36 8.13 10.72
C ALA B 225 2.81 7.36 11.93
N LEU B 226 3.65 6.52 12.55
CA LEU B 226 3.19 5.70 13.69
C LEU B 226 2.82 6.61 14.87
N SER B 227 3.62 7.64 15.09
CA SER B 227 3.37 8.64 16.13
C SER B 227 1.97 9.26 15.94
N GLU B 228 1.65 9.63 14.69
CA GLU B 228 0.35 10.23 14.39
C GLU B 228 -0.78 9.21 14.55
N ALA B 229 -0.52 7.98 14.12
CA ALA B 229 -1.52 6.92 14.14
C ALA B 229 -1.92 6.55 15.57
N TRP B 230 -1.05 6.82 16.56
CA TRP B 230 -1.35 6.52 17.95
C TRP B 230 -1.91 7.72 18.72
N ASP B 231 -2.13 8.85 18.04
CA ASP B 231 -2.89 9.94 18.65
C ASP B 231 -4.29 9.40 19.00
N GLU B 232 -4.89 9.92 20.09
CA GLU B 232 -6.19 9.46 20.56
CA GLU B 232 -6.20 9.50 20.58
C GLU B 232 -7.24 9.49 19.45
N ASP B 233 -7.22 10.50 18.61
CA ASP B 233 -8.21 10.66 17.56
CA ASP B 233 -8.19 10.67 17.55
C ASP B 233 -8.05 9.58 16.48
N LEU B 234 -6.86 8.97 16.32
CA LEU B 234 -6.64 8.02 15.22
C LEU B 234 -6.55 6.58 15.69
N ARG B 235 -6.45 6.36 17.00
CA ARG B 235 -6.38 5.01 17.53
C ARG B 235 -7.56 4.20 17.04
N GLY B 236 -7.29 2.96 16.65
CA GLY B 236 -8.47 2.25 16.14
C GLY B 236 -8.70 2.45 14.64
N GLU B 237 -8.07 3.47 13.99
CA GLU B 237 -8.20 3.52 12.53
C GLU B 237 -7.49 2.31 11.91
N PRO B 238 -8.14 1.57 10.98
CA PRO B 238 -7.48 0.40 10.38
C PRO B 238 -6.25 0.73 9.51
N SER B 239 -6.13 1.97 9.01
CA SER B 239 -4.94 2.32 8.23
C SER B 239 -4.70 3.82 8.31
N VAL B 240 -3.39 4.17 8.33
CA VAL B 240 -2.97 5.57 8.37
C VAL B 240 -1.79 5.70 7.38
N LEU B 241 -1.88 6.71 6.50
CA LEU B 241 -0.77 7.05 5.62
C LEU B 241 -0.21 8.39 6.08
N GLY B 242 1.07 8.40 6.48
CA GLY B 242 1.73 9.67 6.77
C GLY B 242 2.56 10.09 5.55
N LEU B 243 2.47 11.36 5.17
CA LEU B 243 3.29 11.90 4.09
C LEU B 243 3.94 13.18 4.60
N ILE B 244 5.27 13.24 4.49
CA ILE B 244 6.00 14.43 4.90
C ILE B 244 6.36 15.19 3.63
N LEU B 245 5.90 16.43 3.51
CA LEU B 245 6.13 17.23 2.31
C LEU B 245 7.14 18.30 2.68
N GLY B 246 8.43 18.00 2.50
CA GLY B 246 9.51 18.90 2.93
C GLY B 246 10.46 19.18 1.77
N THR B 247 11.73 18.79 1.92
CA THR B 247 12.64 18.94 0.78
C THR B 247 12.45 17.76 -0.18
N GLY B 248 11.77 16.74 0.30
CA GLY B 248 11.41 15.56 -0.48
C GLY B 248 10.04 15.10 0.01
N VAL B 249 9.55 13.97 -0.50
CA VAL B 249 8.29 13.43 -0.03
C VAL B 249 8.66 12.16 0.74
N GLY B 250 8.35 12.11 2.04
CA GLY B 250 8.57 10.89 2.83
C GLY B 250 7.22 10.24 3.14
N GLY B 251 7.17 8.92 3.27
CA GLY B 251 5.91 8.26 3.54
C GLY B 251 6.05 7.17 4.60
N GLY B 252 4.94 6.93 5.28
CA GLY B 252 4.87 5.89 6.30
C GLY B 252 3.53 5.18 6.25
N LEU B 253 3.53 3.85 6.13
CA LEU B 253 2.30 3.06 6.01
CA LEU B 253 2.28 3.09 6.02
C LEU B 253 2.02 2.34 7.33
N ILE B 254 0.89 2.65 7.96
CA ILE B 254 0.49 2.01 9.22
C ILE B 254 -0.80 1.23 8.95
N PHE B 255 -0.85 -0.03 9.38
CA PHE B 255 -2.08 -0.83 9.29
C PHE B 255 -2.35 -1.38 10.68
N ASN B 256 -3.56 -1.14 11.21
CA ASN B 256 -3.94 -1.64 12.53
C ASN B 256 -2.89 -1.25 13.57
N GLY B 257 -2.44 0.02 13.52
CA GLY B 257 -1.49 0.51 14.50
C GLY B 257 -0.07 0.00 14.41
N LYS B 258 0.28 -0.68 13.30
CA LYS B 258 1.63 -1.23 13.18
C LYS B 258 2.27 -0.77 11.86
N VAL B 259 3.56 -0.41 11.91
CA VAL B 259 4.32 -0.04 10.70
C VAL B 259 4.44 -1.23 9.76
N HIS B 260 4.13 -0.99 8.48
CA HIS B 260 4.52 -1.90 7.42
C HIS B 260 5.89 -1.40 6.90
N SER B 261 6.98 -2.13 7.21
CA SER B 261 8.34 -1.74 6.91
C SER B 261 8.67 -2.05 5.45
N GLY B 262 8.13 -3.18 4.96
CA GLY B 262 8.43 -3.59 3.59
C GLY B 262 9.55 -4.62 3.52
N ARG B 263 9.62 -5.32 2.38
CA ARG B 263 10.59 -6.37 2.12
C ARG B 263 12.03 -5.87 2.33
N ALA B 264 12.31 -4.59 2.05
CA ALA B 264 13.68 -4.11 2.19
C ALA B 264 13.71 -2.83 3.01
N ASN B 265 12.67 -2.63 3.84
CA ASN B 265 12.61 -1.48 4.75
C ASN B 265 12.39 -0.16 4.03
N ILE B 266 11.79 -0.23 2.83
CA ILE B 266 11.52 1.00 2.11
C ILE B 266 10.07 1.11 1.66
N ALA B 267 9.14 0.39 2.30
CA ALA B 267 7.72 0.68 2.09
C ALA B 267 7.48 2.15 2.35
N GLY B 268 6.58 2.79 1.56
CA GLY B 268 6.31 4.20 1.82
C GLY B 268 7.20 5.17 1.05
N GLU B 269 8.10 4.67 0.19
CA GLU B 269 8.93 5.57 -0.62
C GLU B 269 8.11 6.09 -1.81
N ILE B 270 6.94 6.68 -1.49
CA ILE B 270 6.02 7.21 -2.48
C ILE B 270 6.69 8.30 -3.29
N GLY B 271 7.68 8.96 -2.68
CA GLY B 271 8.36 10.03 -3.38
C GLY B 271 9.12 9.55 -4.63
N HIS B 272 9.53 8.27 -4.65
CA HIS B 272 10.26 7.74 -5.79
C HIS B 272 9.36 6.89 -6.69
N THR B 273 8.10 7.30 -6.84
CA THR B 273 7.27 6.77 -7.90
C THR B 273 7.16 7.86 -8.96
N ARG B 274 6.93 7.50 -10.24
CA ARG B 274 6.92 8.48 -11.32
C ARG B 274 5.58 9.16 -11.45
N LEU B 275 5.57 10.38 -12.02
CA LEU B 275 4.33 11.08 -12.27
C LEU B 275 3.40 10.13 -13.07
N PRO B 276 2.13 10.00 -12.67
CA PRO B 276 1.17 9.22 -13.47
C PRO B 276 0.75 10.00 -14.72
N TYR B 277 0.27 9.25 -15.72
CA TYR B 277 -0.19 9.83 -16.99
C TYR B 277 -1.07 11.06 -16.77
N ASP B 278 -2.06 10.98 -15.87
CA ASP B 278 -2.97 12.11 -15.71
C ASP B 278 -2.27 13.35 -15.14
N ALA B 279 -1.23 13.16 -14.33
CA ALA B 279 -0.45 14.30 -13.83
C ALA B 279 0.35 14.92 -14.98
N LEU B 280 0.96 14.07 -15.80
CA LEU B 280 1.72 14.56 -16.95
C LEU B 280 0.83 15.36 -17.88
N LYS B 281 -0.41 14.89 -18.09
CA LYS B 281 -1.35 15.59 -18.97
CA LYS B 281 -1.36 15.59 -18.96
C LYS B 281 -1.61 17.00 -18.44
N LEU B 282 -1.87 17.13 -17.13
CA LEU B 282 -2.09 18.43 -16.52
C LEU B 282 -0.88 19.33 -16.81
N LEU B 283 0.33 18.79 -16.76
CA LEU B 283 1.52 19.63 -16.87
C LEU B 283 1.94 19.87 -18.31
N GLY B 284 1.29 19.23 -19.31
CA GLY B 284 1.55 19.56 -20.71
C GLY B 284 2.16 18.40 -21.49
N MET B 285 2.06 17.18 -20.92
CA MET B 285 2.49 15.94 -21.57
CA MET B 285 2.47 15.96 -21.60
C MET B 285 3.94 16.04 -22.03
N GLU B 286 4.21 16.13 -23.34
CA GLU B 286 5.58 16.11 -23.83
C GLU B 286 6.29 17.44 -23.51
N ASN B 287 5.52 18.46 -23.14
CA ASN B 287 6.11 19.71 -22.71
C ASN B 287 6.18 19.82 -21.19
N ALA B 288 5.79 18.77 -20.43
CA ALA B 288 5.78 18.89 -18.97
C ALA B 288 7.23 19.05 -18.49
N PRO B 289 7.47 19.76 -17.37
CA PRO B 289 8.79 19.74 -16.75
C PRO B 289 9.08 18.36 -16.18
N ILE B 290 10.18 17.77 -16.61
CA ILE B 290 10.64 16.50 -16.08
C ILE B 290 11.84 16.81 -15.18
N PHE B 291 11.62 16.81 -13.86
CA PHE B 291 12.69 17.14 -12.93
C PHE B 291 13.55 15.92 -12.71
N PRO B 292 14.89 16.09 -12.65
CA PRO B 292 15.80 14.98 -12.33
C PRO B 292 15.64 14.67 -10.84
N CYS B 293 15.95 13.44 -10.47
CA CYS B 293 15.73 13.00 -9.09
C CYS B 293 17.07 12.60 -8.48
N GLY B 294 17.20 12.83 -7.16
CA GLY B 294 18.34 12.33 -6.40
C GLY B 294 18.49 10.82 -6.45
N CYS B 295 17.41 10.07 -6.71
CA CYS B 295 17.53 8.61 -6.79
C CYS B 295 18.12 8.22 -8.15
N LYS B 296 18.30 9.20 -9.03
CA LYS B 296 18.90 8.99 -10.35
C LYS B 296 17.88 8.52 -11.38
N ASN B 297 16.62 8.31 -10.99
CA ASN B 297 15.55 8.14 -11.95
C ASN B 297 15.13 9.53 -12.37
N SER B 298 14.00 9.67 -13.05
CA SER B 298 13.57 11.03 -13.29
C SER B 298 12.06 11.14 -13.37
N GLY B 299 11.58 12.31 -13.01
CA GLY B 299 10.15 12.59 -12.92
C GLY B 299 9.51 11.92 -11.70
N CYS B 300 10.31 11.56 -10.68
CA CYS B 300 9.76 11.09 -9.40
C CYS B 300 8.99 12.22 -8.74
N ILE B 301 7.86 11.88 -8.07
CA ILE B 301 6.97 12.90 -7.53
C ILE B 301 7.60 13.60 -6.31
N ASP B 302 8.69 13.04 -5.78
CA ASP B 302 9.51 13.69 -4.76
C ASP B 302 9.84 15.14 -5.16
N ASN B 303 9.97 15.38 -6.47
CA ASN B 303 10.45 16.66 -7.01
C ASN B 303 9.33 17.57 -7.45
N TYR B 304 8.08 17.18 -7.15
CA TYR B 304 6.91 17.96 -7.54
C TYR B 304 6.06 18.31 -6.33
N LEU B 305 5.86 17.32 -5.42
CA LEU B 305 4.82 17.52 -4.40
C LEU B 305 5.41 18.00 -3.07
N SER B 306 6.72 17.93 -2.92
CA SER B 306 7.40 18.47 -1.74
C SER B 306 7.35 20.00 -1.75
N GLY B 307 7.81 20.63 -0.66
CA GLY B 307 8.00 22.09 -0.64
C GLY B 307 8.96 22.50 -1.75
N ARG B 308 10.06 21.76 -1.92
CA ARG B 308 11.01 22.08 -2.98
C ARG B 308 10.33 21.94 -4.36
N GLY B 309 9.50 20.89 -4.52
CA GLY B 309 8.79 20.64 -5.76
C GLY B 309 7.85 21.79 -6.09
N PHE B 310 7.17 22.29 -5.05
CA PHE B 310 6.27 23.43 -5.18
C PHE B 310 7.05 24.62 -5.73
N GLU B 311 8.27 24.84 -5.20
CA GLU B 311 9.12 25.96 -5.65
C GLU B 311 9.58 25.75 -7.09
N GLN B 312 10.02 24.53 -7.41
CA GLN B 312 10.60 24.28 -8.73
C GLN B 312 9.51 24.39 -9.80
N LEU B 313 8.28 23.95 -9.50
CA LEU B 313 7.17 24.10 -10.44
C LEU B 313 6.86 25.59 -10.66
N TYR B 314 6.86 26.39 -9.57
CA TYR B 314 6.63 27.81 -9.72
C TYR B 314 7.67 28.42 -10.67
N ASP B 315 8.95 28.11 -10.43
CA ASP B 315 10.04 28.69 -11.21
C ASP B 315 9.95 28.25 -12.67
N HIS B 316 9.60 26.99 -12.90
CA HIS B 316 9.53 26.47 -14.27
C HIS B 316 8.51 27.26 -15.09
N TYR B 317 7.34 27.50 -14.52
CA TYR B 317 6.27 28.12 -15.27
C TYR B 317 6.33 29.64 -15.25
N PHE B 318 6.87 30.26 -14.20
CA PHE B 318 6.73 31.70 -14.07
C PHE B 318 8.08 32.40 -14.15
N SER B 319 9.17 31.62 -14.33
CA SER B 319 10.52 32.14 -14.57
CA SER B 319 10.55 32.07 -14.52
C SER B 319 10.97 33.10 -13.47
N GLU B 320 10.76 32.74 -12.21
CA GLU B 320 11.20 33.56 -11.09
C GLU B 320 11.41 32.64 -9.90
N LYS B 321 12.57 32.68 -9.29
CA LYS B 321 12.86 31.73 -8.24
C LYS B 321 12.43 32.31 -6.89
N LEU B 322 11.28 31.88 -6.37
CA LEU B 322 10.71 32.31 -5.10
C LEU B 322 10.66 31.11 -4.16
N SER B 323 10.73 31.37 -2.85
CA SER B 323 10.59 30.30 -1.87
C SER B 323 9.10 29.99 -1.71
N ALA B 324 8.77 28.82 -1.12
CA ALA B 324 7.36 28.51 -0.95
C ALA B 324 6.64 29.59 -0.12
N PRO B 325 7.19 30.04 1.04
CA PRO B 325 6.54 31.11 1.80
C PRO B 325 6.27 32.41 1.03
N GLU B 326 7.20 32.81 0.15
CA GLU B 326 7.04 33.98 -0.70
C GLU B 326 5.87 33.79 -1.67
N ILE B 327 5.80 32.59 -2.29
CA ILE B 327 4.71 32.27 -3.21
C ILE B 327 3.38 32.33 -2.48
N ILE B 328 3.33 31.67 -1.32
CA ILE B 328 2.11 31.62 -0.53
C ILE B 328 1.70 33.04 -0.12
N ALA B 329 2.66 33.87 0.34
CA ALA B 329 2.34 35.26 0.69
C ALA B 329 1.78 36.01 -0.53
N HIS B 330 2.35 35.79 -1.70
CA HIS B 330 1.77 36.40 -2.91
C HIS B 330 0.39 35.83 -3.21
N TYR B 331 0.19 34.52 -3.00
CA TYR B 331 -1.12 33.93 -3.21
C TYR B 331 -2.16 34.66 -2.35
N GLU B 332 -1.81 34.85 -1.08
CA GLU B 332 -2.73 35.48 -0.14
C GLU B 332 -3.05 36.91 -0.53
N GLN B 333 -2.18 37.57 -1.31
CA GLN B 333 -2.38 38.93 -1.78
CA GLN B 333 -2.45 38.93 -1.74
C GLN B 333 -3.14 38.93 -3.10
N GLY B 334 -3.46 37.74 -3.64
CA GLY B 334 -4.22 37.68 -4.89
C GLY B 334 -3.36 37.92 -6.13
N GLU B 335 -2.03 37.93 -6.00
CA GLU B 335 -1.12 38.07 -7.12
C GLU B 335 -1.40 36.98 -8.16
N ARG B 336 -1.48 37.35 -9.44
CA ARG B 336 -2.02 36.50 -10.51
CA ARG B 336 -2.09 36.43 -10.40
C ARG B 336 -1.18 35.21 -10.68
N ARG B 337 0.15 35.36 -10.68
CA ARG B 337 1.02 34.24 -10.99
C ARG B 337 0.95 33.19 -9.89
N ALA B 338 0.96 33.66 -8.64
CA ALA B 338 0.89 32.80 -7.46
C ALA B 338 -0.45 32.08 -7.43
N VAL B 339 -1.53 32.77 -7.83
CA VAL B 339 -2.86 32.19 -7.88
C VAL B 339 -2.90 31.07 -8.91
N GLN B 340 -2.27 31.30 -10.08
CA GLN B 340 -2.25 30.28 -11.11
C GLN B 340 -1.40 29.10 -10.68
N HIS B 341 -0.27 29.38 -10.03
CA HIS B 341 0.63 28.32 -9.62
C HIS B 341 -0.09 27.42 -8.60
N VAL B 342 -0.78 28.05 -7.63
CA VAL B 342 -1.45 27.33 -6.56
C VAL B 342 -2.56 26.45 -7.15
N GLU B 343 -3.29 26.98 -8.15
CA GLU B 343 -4.36 26.25 -8.83
C GLU B 343 -3.76 25.00 -9.47
N ARG B 344 -2.64 25.14 -10.16
CA ARG B 344 -1.96 24.04 -10.84
C ARG B 344 -1.45 23.04 -9.79
N PHE B 345 -0.84 23.57 -8.71
CA PHE B 345 -0.24 22.72 -7.69
C PHE B 345 -1.30 21.87 -7.00
N MET B 346 -2.42 22.50 -6.60
CA MET B 346 -3.48 21.78 -5.89
C MET B 346 -4.07 20.69 -6.79
N GLU B 347 -4.24 20.98 -8.08
CA GLU B 347 -4.78 19.94 -8.96
C GLU B 347 -3.76 18.81 -9.14
N LEU B 348 -2.47 19.17 -9.26
CA LEU B 348 -1.42 18.18 -9.40
C LEU B 348 -1.37 17.27 -8.17
N LEU B 349 -1.42 17.89 -6.99
CA LEU B 349 -1.42 17.13 -5.73
C LEU B 349 -2.62 16.19 -5.69
N ALA B 350 -3.82 16.67 -6.04
CA ALA B 350 -5.01 15.85 -6.04
C ALA B 350 -4.88 14.67 -6.98
N ILE B 351 -4.34 14.90 -8.19
CA ILE B 351 -4.19 13.81 -9.15
C ILE B 351 -3.22 12.75 -8.62
N CYS B 352 -2.04 13.19 -8.16
CA CYS B 352 -1.06 12.21 -7.74
C CYS B 352 -1.60 11.45 -6.51
N LEU B 353 -2.19 12.17 -5.56
CA LEU B 353 -2.73 11.49 -4.38
C LEU B 353 -3.88 10.55 -4.76
N ALA B 354 -4.72 10.94 -5.72
CA ALA B 354 -5.84 10.05 -6.11
C ALA B 354 -5.30 8.72 -6.66
N ASN B 355 -4.20 8.77 -7.43
CA ASN B 355 -3.57 7.55 -7.90
C ASN B 355 -3.11 6.69 -6.71
N ILE B 356 -2.37 7.32 -5.79
CA ILE B 356 -1.90 6.62 -4.59
C ILE B 356 -3.10 6.05 -3.82
N PHE B 357 -4.17 6.84 -3.64
CA PHE B 357 -5.32 6.38 -2.86
C PHE B 357 -6.09 5.26 -3.57
N THR B 358 -5.99 5.13 -4.89
CA THR B 358 -6.75 4.08 -5.59
C THR B 358 -6.09 2.74 -5.29
N CYS B 359 -4.77 2.76 -5.07
CA CYS B 359 -4.06 1.56 -4.67
C CYS B 359 -4.23 1.32 -3.16
N LEU B 360 -3.99 2.33 -2.33
CA LEU B 360 -3.90 2.11 -0.88
C LEU B 360 -5.21 2.31 -0.13
N ASP B 361 -6.12 3.16 -0.61
CA ASP B 361 -7.39 3.46 0.03
C ASP B 361 -7.22 3.67 1.54
N PRO B 362 -6.36 4.61 1.98
CA PRO B 362 -6.11 4.78 3.39
C PRO B 362 -7.31 5.40 4.11
N HIS B 363 -7.50 5.06 5.40
CA HIS B 363 -8.60 5.64 6.16
C HIS B 363 -8.28 7.10 6.52
N VAL B 364 -7.02 7.36 6.88
CA VAL B 364 -6.62 8.69 7.31
C VAL B 364 -5.28 8.99 6.65
N VAL B 365 -5.11 10.24 6.22
CA VAL B 365 -3.85 10.66 5.63
C VAL B 365 -3.39 11.85 6.47
N VAL B 366 -2.15 11.78 6.97
CA VAL B 366 -1.65 12.83 7.84
CA VAL B 366 -1.67 12.85 7.83
C VAL B 366 -0.44 13.47 7.17
N LEU B 367 -0.50 14.81 7.02
CA LEU B 367 0.58 15.52 6.31
C LEU B 367 1.51 16.19 7.31
N GLY B 368 2.83 16.01 7.09
CA GLY B 368 3.85 16.74 7.85
C GLY B 368 4.78 17.51 6.91
N GLY B 369 5.84 18.08 7.46
CA GLY B 369 6.78 18.88 6.67
C GLY B 369 6.29 20.31 6.48
N GLY B 370 7.19 21.19 5.97
CA GLY B 370 6.85 22.61 5.91
C GLY B 370 5.59 22.88 5.09
N LEU B 371 5.39 22.12 4.00
CA LEU B 371 4.24 22.41 3.14
C LEU B 371 2.93 22.01 3.81
N SER B 372 2.97 21.14 4.83
CA SER B 372 1.72 20.80 5.52
C SER B 372 1.15 22.00 6.28
N ASN B 373 1.95 23.07 6.44
CA ASN B 373 1.43 24.30 7.05
C ASN B 373 0.58 25.12 6.08
N PHE B 374 0.56 24.77 4.79
CA PHE B 374 -0.27 25.51 3.85
C PHE B 374 -1.72 25.06 4.00
N GLU B 375 -2.53 25.82 4.77
CA GLU B 375 -3.86 25.41 5.22
C GLU B 375 -4.79 25.13 4.05
N LEU B 376 -4.59 25.84 2.93
CA LEU B 376 -5.47 25.69 1.78
C LEU B 376 -5.52 24.22 1.31
N ILE B 377 -4.43 23.46 1.48
CA ILE B 377 -4.38 22.05 1.07
C ILE B 377 -5.59 21.25 1.57
N TYR B 378 -5.96 21.47 2.84
CA TYR B 378 -6.99 20.72 3.56
C TYR B 378 -8.36 21.12 3.03
N GLN B 379 -8.47 22.30 2.42
CA GLN B 379 -9.73 22.76 1.85
CA GLN B 379 -9.75 22.72 1.88
C GLN B 379 -9.85 22.24 0.43
N GLU B 380 -8.75 22.28 -0.33
CA GLU B 380 -8.80 22.03 -1.76
C GLU B 380 -8.79 20.53 -2.09
N LEU B 381 -8.05 19.71 -1.32
CA LEU B 381 -7.98 18.29 -1.65
C LEU B 381 -9.36 17.64 -1.67
N PRO B 382 -10.23 17.80 -0.64
CA PRO B 382 -11.55 17.19 -0.69
C PRO B 382 -12.35 17.65 -1.91
N LYS B 383 -12.09 18.87 -2.40
CA LYS B 383 -12.86 19.36 -3.55
C LYS B 383 -12.36 18.75 -4.84
N ARG B 384 -11.04 18.49 -4.93
CA ARG B 384 -10.47 18.09 -6.21
C ARG B 384 -10.26 16.57 -6.36
N LEU B 385 -10.21 15.85 -5.26
CA LEU B 385 -9.89 14.43 -5.36
C LEU B 385 -10.99 13.64 -6.06
N PRO B 386 -12.30 13.86 -5.80
CA PRO B 386 -13.33 12.97 -6.38
C PRO B 386 -13.27 12.74 -7.88
N ALA B 387 -12.94 13.78 -8.68
CA ALA B 387 -12.86 13.64 -10.14
C ALA B 387 -11.79 12.62 -10.51
N HIS B 388 -10.75 12.41 -9.68
CA HIS B 388 -9.69 11.51 -10.10
C HIS B 388 -9.75 10.14 -9.40
N LEU B 389 -10.65 10.00 -8.44
CA LEU B 389 -10.84 8.73 -7.74
C LEU B 389 -11.89 7.89 -8.49
N LEU B 390 -11.99 6.59 -8.16
CA LEU B 390 -13.08 5.76 -8.67
C LEU B 390 -14.41 6.36 -8.27
N HIS B 391 -15.44 6.15 -9.08
CA HIS B 391 -16.79 6.63 -8.77
C HIS B 391 -17.27 6.15 -7.39
N VAL B 392 -16.95 4.91 -6.99
CA VAL B 392 -17.42 4.39 -5.70
C VAL B 392 -16.51 4.78 -4.54
N ALA B 393 -15.36 5.43 -4.82
CA ALA B 393 -14.41 5.74 -3.76
C ALA B 393 -14.99 6.76 -2.80
N LYS B 394 -14.50 6.79 -1.55
CA LYS B 394 -14.84 7.81 -0.60
C LYS B 394 -13.55 8.49 -0.13
N LEU B 395 -13.64 9.73 0.35
CA LEU B 395 -12.45 10.50 0.68
C LEU B 395 -11.87 9.98 1.99
N PRO B 396 -10.52 9.89 2.15
CA PRO B 396 -9.96 9.64 3.46
C PRO B 396 -10.18 10.92 4.27
N LYS B 397 -10.00 10.80 5.59
CA LYS B 397 -9.81 11.97 6.41
C LYS B 397 -8.39 12.48 6.17
N ILE B 398 -8.23 13.78 5.85
CA ILE B 398 -6.92 14.32 5.54
C ILE B 398 -6.65 15.46 6.50
N ILE B 399 -5.59 15.33 7.32
CA ILE B 399 -5.36 16.27 8.41
CA ILE B 399 -5.36 16.33 8.35
C ILE B 399 -3.87 16.65 8.46
N LYS B 400 -3.60 17.76 9.15
CA LYS B 400 -2.22 18.13 9.39
C LYS B 400 -1.69 17.35 10.58
N ALA B 401 -0.40 16.95 10.57
CA ALA B 401 0.23 16.26 11.69
C ALA B 401 -0.03 17.03 12.98
N ARG B 402 -0.26 16.32 14.08
CA ARG B 402 -0.51 16.94 15.38
CA ARG B 402 -0.48 17.06 15.31
C ARG B 402 0.78 17.12 16.18
N HIS B 403 1.79 16.25 15.93
CA HIS B 403 2.97 16.18 16.81
C HIS B 403 4.25 16.81 16.21
N GLY B 404 4.13 17.45 15.05
CA GLY B 404 5.22 18.17 14.41
C GLY B 404 6.44 17.30 14.15
N ASP B 405 7.60 17.96 14.15
CA ASP B 405 8.88 17.28 14.06
C ASP B 405 9.34 16.80 15.45
N ALA B 406 8.40 16.53 16.36
CA ALA B 406 8.74 16.04 17.71
C ALA B 406 8.08 14.68 17.99
N GLY B 407 7.56 14.02 16.94
CA GLY B 407 7.07 12.66 16.98
C GLY B 407 8.05 11.56 16.55
N GLY B 408 9.31 11.89 16.28
CA GLY B 408 10.29 10.84 16.07
C GLY B 408 10.42 9.93 17.31
N VAL B 409 10.50 10.52 18.51
CA VAL B 409 10.68 9.71 19.71
CA VAL B 409 10.63 9.78 19.77
C VAL B 409 9.42 8.90 20.02
N ARG B 410 8.24 9.50 19.85
CA ARG B 410 6.97 8.82 20.07
C ARG B 410 6.88 7.61 19.15
N GLY B 411 7.05 7.84 17.84
CA GLY B 411 6.94 6.73 16.89
C GLY B 411 7.93 5.60 17.15
N ALA B 412 9.16 5.98 17.46
CA ALA B 412 10.19 5.00 17.74
C ALA B 412 9.77 4.18 18.95
N ALA B 413 9.29 4.85 20.02
CA ALA B 413 8.87 4.09 21.20
C ALA B 413 7.72 3.13 20.85
N PHE B 414 6.78 3.60 20.04
CA PHE B 414 5.53 2.90 19.75
C PHE B 414 5.76 1.69 18.84
N LEU B 415 6.96 1.53 18.31
CA LEU B 415 7.27 0.39 17.46
C LEU B 415 7.07 -0.91 18.24
N ASN B 416 7.14 -0.80 19.57
CA ASN B 416 7.06 -1.98 20.42
C ASN B 416 5.72 -2.13 21.12
N LEU B 417 4.69 -1.36 20.73
CA LEU B 417 3.38 -1.54 21.35
C LEU B 417 2.79 -2.90 21.00
#